data_3BCD
#
_entry.id   3BCD
#
_cell.length_a   228.700
_cell.length_b   78.050
_cell.length_c   50.640
_cell.angle_alpha   90.00
_cell.angle_beta   98.90
_cell.angle_gamma   90.00
#
_symmetry.space_group_name_H-M   'C 1 2 1'
#
loop_
_entity.id
_entity.type
_entity.pdbx_description
1 polymer 'Alpha amylase, catalytic region'
2 branched alpha-D-glucopyranose-(1-4)-alpha-D-glucopyranose-(1-4)-alpha-D-glucopyranose-(1-4)-beta-D-glucopyranose
3 branched alpha-D-glucopyranose-(1-4)-alpha-D-glucopyranose-(1-4)-alpha-D-glucopyranose-(1-4)-alpha-D-glucopyranose
4 branched Cyclohexakis-(1-4)-(alpha-D-glucopyranose)
5 non-polymer 'CALCIUM ION'
6 non-polymer 'SODIUM ION'
7 water water
#
_entity_poly.entity_id   1
_entity_poly.type   'polypeptide(L)'
_entity_poly.pdbx_seq_one_letter_code
;GCSNISEDVNNPNRSLFLIESEPSTGASVSKNLTEIILIFSNDINKVSQLALTDLITDSDIQGIDYNIEGNKVIINNFSL
EPTCNYRLSYEVIDIYDNHLQGYIEFLVNQSNYPQIPDQEVNHTILQAFYWEMNTGEYATEHPEEANLWNLLAERAPELA
EAGFTAVWLPPANKGMAGIHDVGYGTYDLWDLGEFDQKGTVRTKYGTKGELENAIDALHNNDIKVYFDAVLNHRMGADYA
ETVLLDENSRDKPGQYIKAWTGFNFPGRNGEYSNFTWNGQCFDGTDWDDYSKESGKYLFDEKSWDWTYNWDEDYLMGADV
DYENEAVQNDVIDWGQWIINNIDFDGFRLDAVKHIDYRFIDKWMSAVQNSSNRDVFFVGEAWVEDVDDLKGFLDTVGNPD
LRVFDFPLRSFFVDMLNGAYMADLRNAGLVNSPGYENRAVTFVDNHDTDRDEGSYTVSIYSRKYQAYAYILTRAEGVPTV
YWKDYYIWEMKEGLDKLLTARRYYAYGPGYEVDNNDADIYSYVRSGFPDVAGDGLVLMISDGTSGNVAGKWINSRQPDTE
FYDLTGHIKEHVTTDSEGYGNFKVIKSEDKGWSIWVPVE
;
_entity_poly.pdbx_strand_id   A
#
# COMPACT_ATOMS: atom_id res chain seq x y z
N SER A 15 -37.03 18.39 11.74
CA SER A 15 -37.07 18.23 10.28
C SER A 15 -36.82 16.79 9.89
N LEU A 16 -37.43 16.39 8.78
CA LEU A 16 -37.36 15.02 8.32
C LEU A 16 -36.19 14.87 7.36
N PHE A 17 -35.38 13.82 7.51
CA PHE A 17 -34.34 13.46 6.54
C PHE A 17 -33.81 12.06 6.82
N LEU A 18 -33.18 11.41 5.84
CA LEU A 18 -32.59 10.06 6.05
C LEU A 18 -31.35 10.10 6.93
N ILE A 19 -31.32 9.37 8.03
CA ILE A 19 -30.12 9.41 8.89
C ILE A 19 -29.02 8.58 8.25
N GLU A 20 -29.38 7.38 7.82
CA GLU A 20 -28.42 6.48 7.23
C GLU A 20 -29.18 5.37 6.61
N SER A 21 -28.49 4.49 5.91
CA SER A 21 -29.13 3.35 5.32
C SER A 21 -28.18 2.19 5.25
N GLU A 22 -28.77 1.02 5.10
CA GLU A 22 -28.03 -0.20 4.90
C GLU A 22 -28.71 -0.96 3.77
N PRO A 23 -28.01 -1.12 2.64
CA PRO A 23 -26.66 -0.58 2.37
C PRO A 23 -26.65 0.94 2.24
N SER A 24 -25.46 1.54 2.39
CA SER A 24 -25.29 2.95 2.08
C SER A 24 -25.29 3.16 0.56
N THR A 25 -25.82 4.33 0.18
CA THR A 25 -25.89 4.75 -1.21
C THR A 25 -24.56 4.61 -1.86
N GLY A 26 -24.53 4.15 -3.10
CA GLY A 26 -23.27 3.91 -3.80
C GLY A 26 -22.55 2.60 -3.46
N ALA A 27 -23.08 1.79 -2.56
CA ALA A 27 -22.39 0.57 -2.07
C ALA A 27 -22.43 -0.59 -3.06
N SER A 28 -21.49 -1.49 -2.98
CA SER A 28 -21.58 -2.77 -3.70
C SER A 28 -21.96 -3.90 -2.72
N VAL A 29 -23.02 -4.67 -3.05
CA VAL A 29 -23.60 -5.70 -2.16
C VAL A 29 -23.62 -7.10 -2.78
N SER A 30 -23.74 -8.12 -1.93
CA SER A 30 -23.92 -9.53 -2.36
C SER A 30 -25.31 -9.75 -2.95
N LYS A 31 -25.42 -10.61 -3.95
CA LYS A 31 -26.74 -11.02 -4.45
C LYS A 31 -27.58 -11.69 -3.34
N ASN A 32 -26.92 -12.22 -2.29
CA ASN A 32 -27.62 -12.77 -1.11
C ASN A 32 -28.22 -11.74 -0.15
N LEU A 33 -27.98 -10.45 -0.35
CA LEU A 33 -28.65 -9.36 0.43
C LEU A 33 -30.16 -9.63 0.39
N THR A 34 -30.82 -9.63 1.56
CA THR A 34 -32.25 -9.89 1.69
C THR A 34 -33.11 -8.64 2.04
N GLU A 35 -32.56 -7.69 2.79
CA GLU A 35 -33.28 -6.50 3.09
C GLU A 35 -32.41 -5.22 3.06
N ILE A 36 -33.10 -4.09 2.90
CA ILE A 36 -32.53 -2.75 2.90
C ILE A 36 -33.22 -2.05 4.08
N ILE A 37 -32.50 -1.24 4.83
CA ILE A 37 -33.09 -0.59 5.98
C ILE A 37 -32.83 0.84 5.80
N LEU A 38 -33.86 1.66 5.88
CA LEU A 38 -33.75 3.09 5.91
C LEU A 38 -34.04 3.60 7.33
N ILE A 39 -33.18 4.45 7.84
CA ILE A 39 -33.32 5.03 9.14
C ILE A 39 -33.52 6.53 9.05
N PHE A 40 -34.67 7.06 9.45
CA PHE A 40 -34.95 8.51 9.37
C PHE A 40 -34.83 9.27 10.72
N SER A 41 -34.98 10.60 10.69
CA SER A 41 -34.89 11.44 11.91
C SER A 41 -36.15 11.46 12.76
N ASN A 42 -37.31 11.19 12.18
CA ASN A 42 -38.57 11.15 12.92
C ASN A 42 -39.22 9.78 12.74
N ASP A 43 -40.18 9.40 13.57
CA ASP A 43 -40.85 8.11 13.40
C ASP A 43 -41.71 8.19 12.12
N ILE A 44 -41.88 7.08 11.42
CA ILE A 44 -42.59 7.17 10.17
C ILE A 44 -44.03 6.74 10.36
N ASN A 45 -44.91 7.34 9.57
CA ASN A 45 -46.33 7.12 9.62
C ASN A 45 -46.75 6.38 8.37
N LYS A 46 -46.48 6.95 7.20
CA LYS A 46 -46.77 6.27 5.93
C LYS A 46 -45.50 6.22 5.06
N VAL A 47 -45.46 5.22 4.21
CA VAL A 47 -44.60 5.16 3.07
C VAL A 47 -45.60 5.28 1.93
N SER A 48 -45.70 6.43 1.28
CA SER A 48 -46.74 6.59 0.28
C SER A 48 -46.32 5.92 -1.03
N GLN A 49 -45.07 6.12 -1.45
CA GLN A 49 -44.52 5.50 -2.63
C GLN A 49 -43.22 4.76 -2.34
N LEU A 50 -42.97 3.69 -3.06
CA LEU A 50 -41.75 2.91 -2.86
C LEU A 50 -41.48 2.06 -4.11
N ALA A 51 -40.26 2.05 -4.64
CA ALA A 51 -39.96 1.18 -5.82
C ALA A 51 -38.54 0.78 -5.83
N LEU A 52 -38.26 -0.39 -6.41
CA LEU A 52 -36.88 -0.86 -6.58
C LEU A 52 -36.65 -1.16 -8.05
N THR A 53 -35.80 -0.34 -8.65
CA THR A 53 -35.69 -0.30 -10.07
C THR A 53 -34.32 -0.81 -10.48
N ASP A 54 -34.36 -1.69 -11.47
CA ASP A 54 -33.21 -2.15 -12.23
C ASP A 54 -32.99 -1.11 -13.31
N LEU A 55 -31.88 -0.40 -13.17
CA LEU A 55 -31.53 0.84 -13.93
C LEU A 55 -31.08 0.61 -15.39
N ILE A 56 -30.70 -0.62 -15.67
CA ILE A 56 -30.19 -1.00 -16.93
C ILE A 56 -31.35 -1.32 -17.84
N THR A 57 -32.27 -2.21 -17.46
CA THR A 57 -33.53 -2.52 -18.24
C THR A 57 -34.76 -1.61 -17.93
N ASP A 58 -34.56 -0.65 -17.03
CA ASP A 58 -35.60 0.21 -16.52
C ASP A 58 -36.95 -0.49 -16.12
N SER A 59 -36.89 -1.61 -15.36
CA SER A 59 -38.11 -2.28 -14.87
C SER A 59 -38.19 -2.11 -13.37
N ASP A 60 -39.34 -1.74 -12.81
CA ASP A 60 -39.51 -1.83 -11.33
C ASP A 60 -39.81 -3.30 -10.96
N ILE A 61 -39.06 -3.84 -9.98
CA ILE A 61 -39.29 -5.20 -9.47
C ILE A 61 -40.62 -5.24 -8.77
N GLN A 62 -41.46 -6.23 -9.09
CA GLN A 62 -42.75 -6.48 -8.43
C GLN A 62 -42.60 -7.36 -7.15
N GLY A 63 -43.49 -7.13 -6.19
CA GLY A 63 -43.68 -8.03 -5.08
C GLY A 63 -42.85 -7.59 -3.89
N ILE A 64 -42.13 -6.49 -4.02
CA ILE A 64 -41.33 -6.03 -2.89
C ILE A 64 -42.27 -5.68 -1.73
N ASP A 65 -41.76 -5.68 -0.52
CA ASP A 65 -42.56 -5.52 0.67
C ASP A 65 -41.92 -4.54 1.57
N TYR A 66 -42.62 -3.98 2.53
CA TYR A 66 -41.97 -3.17 3.54
C TYR A 66 -42.61 -3.17 4.93
N ASN A 67 -41.92 -2.61 5.90
CA ASN A 67 -42.35 -2.69 7.29
C ASN A 67 -41.78 -1.52 8.08
N ILE A 68 -42.64 -0.80 8.79
CA ILE A 68 -42.29 0.40 9.53
C ILE A 68 -42.03 0.06 10.99
N GLU A 69 -40.91 0.48 11.54
CA GLU A 69 -40.65 0.25 12.96
C GLU A 69 -40.13 1.53 13.57
N GLY A 70 -41.06 2.43 13.81
CA GLY A 70 -40.76 3.71 14.39
C GLY A 70 -40.14 4.54 13.31
N ASN A 71 -38.84 4.78 13.42
CA ASN A 71 -38.15 5.65 12.47
C ASN A 71 -37.41 4.90 11.39
N LYS A 72 -37.36 3.57 11.46
CA LYS A 72 -36.77 2.74 10.40
C LYS A 72 -37.78 2.11 9.45
N VAL A 73 -37.39 1.89 8.20
CA VAL A 73 -38.22 1.20 7.23
C VAL A 73 -37.42 0.05 6.60
N ILE A 74 -37.94 -1.15 6.63
CA ILE A 74 -37.22 -2.33 6.14
C ILE A 74 -37.95 -2.86 4.91
N ILE A 75 -37.25 -2.91 3.80
CA ILE A 75 -37.82 -3.32 2.53
C ILE A 75 -37.24 -4.69 2.16
N ASN A 76 -38.07 -5.63 1.76
CA ASN A 76 -37.52 -6.92 1.37
C ASN A 76 -38.37 -7.58 0.34
N ASN A 77 -38.19 -8.90 0.21
CA ASN A 77 -38.99 -9.74 -0.68
C ASN A 77 -38.56 -9.53 -2.10
N PHE A 78 -37.25 -9.46 -2.30
CA PHE A 78 -36.66 -9.39 -3.66
C PHE A 78 -35.47 -10.30 -3.85
N SER A 79 -35.21 -10.53 -5.15
CA SER A 79 -34.12 -11.34 -5.61
C SER A 79 -33.19 -10.50 -6.55
N LEU A 80 -32.01 -10.11 -6.06
CA LEU A 80 -31.05 -9.31 -6.84
C LEU A 80 -30.27 -10.18 -7.81
N GLU A 81 -29.98 -9.58 -8.96
CA GLU A 81 -29.17 -10.19 -10.04
C GLU A 81 -27.73 -9.66 -9.94
N PRO A 82 -26.73 -10.58 -10.00
CA PRO A 82 -25.34 -10.18 -9.97
C PRO A 82 -25.04 -9.22 -11.10
N THR A 83 -24.10 -8.32 -10.83
CA THR A 83 -23.78 -7.23 -11.72
C THR A 83 -24.84 -6.14 -11.98
N CYS A 84 -26.09 -6.22 -11.56
CA CYS A 84 -27.04 -5.10 -11.93
C CYS A 84 -26.99 -3.92 -11.02
N ASN A 85 -27.30 -2.74 -11.55
CA ASN A 85 -27.32 -1.51 -10.76
C ASN A 85 -28.76 -1.23 -10.42
N TYR A 86 -29.02 -0.77 -9.18
CA TYR A 86 -30.40 -0.66 -8.69
C TYR A 86 -30.59 0.66 -8.00
N ARG A 87 -31.80 1.20 -8.11
CA ARG A 87 -32.21 2.35 -7.34
C ARG A 87 -33.45 2.02 -6.47
N LEU A 88 -33.38 2.33 -5.18
CA LEU A 88 -34.51 2.23 -4.36
C LEU A 88 -35.10 3.60 -4.13
N SER A 89 -36.29 3.86 -4.69
CA SER A 89 -36.99 5.17 -4.58
C SER A 89 -38.01 5.14 -3.44
N TYR A 90 -38.14 6.22 -2.65
CA TYR A 90 -39.18 6.28 -1.63
C TYR A 90 -39.89 7.60 -1.56
N GLU A 91 -41.08 7.56 -0.98
CA GLU A 91 -41.72 8.76 -0.50
C GLU A 91 -42.33 8.37 0.81
N VAL A 92 -41.98 9.11 1.86
CA VAL A 92 -42.49 8.83 3.19
C VAL A 92 -43.19 10.03 3.80
N ILE A 93 -44.10 9.80 4.73
CA ILE A 93 -44.70 10.86 5.54
C ILE A 93 -44.44 10.53 7.02
N ASP A 94 -43.75 11.42 7.74
CA ASP A 94 -43.49 11.19 9.16
C ASP A 94 -44.73 11.52 10.04
N ILE A 95 -44.54 11.41 11.36
CA ILE A 95 -45.62 11.58 12.30
C ILE A 95 -46.03 13.05 12.52
N TYR A 96 -45.41 13.98 11.80
CA TYR A 96 -45.76 15.39 11.89
C TYR A 96 -46.33 15.89 10.55
N ASP A 97 -46.72 14.93 9.72
CA ASP A 97 -47.17 15.18 8.35
C ASP A 97 -46.13 15.82 7.42
N ASN A 98 -44.86 15.73 7.79
CA ASN A 98 -43.81 16.05 6.86
C ASN A 98 -43.75 14.93 5.83
N HIS A 99 -43.68 15.37 4.57
CA HIS A 99 -43.34 14.54 3.41
C HIS A 99 -41.81 14.57 3.10
N LEU A 100 -41.28 13.48 2.56
CA LEU A 100 -39.88 13.42 2.11
C LEU A 100 -39.73 12.42 0.95
N GLN A 101 -39.15 12.90 -0.14
CA GLN A 101 -38.85 12.14 -1.34
C GLN A 101 -37.32 11.95 -1.42
N GLY A 102 -36.89 10.73 -1.71
CA GLY A 102 -35.47 10.44 -1.83
C GLY A 102 -35.22 9.10 -2.49
N TYR A 103 -33.96 8.71 -2.55
CA TYR A 103 -33.57 7.45 -3.15
C TYR A 103 -32.19 7.08 -2.66
N ILE A 104 -31.91 5.78 -2.58
CA ILE A 104 -30.53 5.28 -2.53
C ILE A 104 -30.27 4.38 -3.74
N GLU A 105 -29.01 4.18 -4.11
CA GLU A 105 -28.64 3.32 -5.26
C GLU A 105 -27.52 2.39 -4.87
N PHE A 106 -27.34 1.32 -5.66
CA PHE A 106 -26.34 0.29 -5.38
C PHE A 106 -26.12 -0.69 -6.51
N LEU A 107 -25.05 -1.44 -6.33
CA LEU A 107 -24.54 -2.39 -7.30
C LEU A 107 -24.23 -3.72 -6.64
N VAL A 108 -24.46 -4.81 -7.38
CA VAL A 108 -24.45 -6.13 -6.82
C VAL A 108 -23.21 -6.83 -7.32
N ASN A 109 -22.37 -7.31 -6.43
CA ASN A 109 -21.17 -8.00 -6.84
C ASN A 109 -21.50 -9.10 -7.89
N GLN A 110 -20.50 -9.45 -8.69
CA GLN A 110 -20.61 -10.58 -9.65
C GLN A 110 -20.44 -11.85 -8.83
N SER A 111 -21.01 -12.95 -9.27
CA SER A 111 -20.94 -14.19 -8.49
C SER A 111 -20.15 -15.28 -9.16
N ASN A 112 -19.93 -15.09 -10.46
CA ASN A 112 -19.10 -15.98 -11.24
C ASN A 112 -18.06 -15.13 -11.90
N TYR A 113 -16.87 -15.15 -11.32
CA TYR A 113 -15.75 -14.32 -11.73
C TYR A 113 -14.91 -15.16 -12.68
N PRO A 114 -14.08 -14.51 -13.53
CA PRO A 114 -13.15 -15.25 -14.38
C PRO A 114 -12.23 -16.17 -13.60
N GLN A 115 -11.95 -17.31 -14.17
CA GLN A 115 -11.12 -18.34 -13.55
C GLN A 115 -9.72 -18.17 -14.05
N ILE A 116 -8.89 -17.54 -13.24
CA ILE A 116 -7.50 -17.24 -13.58
C ILE A 116 -6.67 -18.34 -12.95
N PRO A 117 -5.82 -19.01 -13.75
CA PRO A 117 -4.91 -20.04 -13.24
C PRO A 117 -3.97 -19.50 -12.15
N ASP A 118 -3.70 -20.32 -11.13
CA ASP A 118 -2.94 -19.94 -9.92
C ASP A 118 -1.65 -19.22 -10.22
N GLN A 119 -0.88 -19.82 -11.11
CA GLN A 119 0.47 -19.42 -11.43
C GLN A 119 0.53 -18.02 -12.04
N GLU A 120 -0.62 -17.47 -12.43
CA GLU A 120 -0.70 -16.21 -13.16
C GLU A 120 -1.51 -15.14 -12.46
N VAL A 121 -2.00 -15.40 -11.26
CA VAL A 121 -2.79 -14.38 -10.52
C VAL A 121 -1.94 -13.18 -10.16
N ASN A 122 -2.49 -11.96 -10.27
CA ASN A 122 -1.64 -10.74 -10.15
C ASN A 122 -1.17 -10.69 -8.73
N HIS A 123 -0.04 -10.01 -8.48
CA HIS A 123 0.60 -9.89 -7.17
C HIS A 123 0.28 -8.49 -6.64
N THR A 124 0.04 -8.37 -5.35
CA THR A 124 -0.35 -7.11 -4.72
C THR A 124 0.13 -7.09 -3.27
N ILE A 125 0.59 -5.93 -2.78
CA ILE A 125 1.25 -5.86 -1.47
C ILE A 125 0.51 -4.90 -0.56
N LEU A 126 0.46 -5.27 0.69
CA LEU A 126 0.01 -4.38 1.72
C LEU A 126 1.13 -3.91 2.60
N GLN A 127 1.29 -2.60 2.58
CA GLN A 127 2.09 -1.99 3.62
C GLN A 127 1.37 -2.07 4.96
N ALA A 128 1.79 -3.02 5.80
CA ALA A 128 0.98 -3.35 7.00
C ALA A 128 1.20 -2.44 8.24
N PHE A 129 1.44 -1.13 8.06
CA PHE A 129 1.61 -0.21 9.22
C PHE A 129 1.49 1.24 8.82
N TYR A 130 1.50 2.09 9.83
CA TYR A 130 1.64 3.53 9.66
C TYR A 130 2.34 4.13 10.90
N TRP A 131 2.68 5.41 10.82
CA TRP A 131 3.50 6.05 11.84
C TRP A 131 2.81 6.02 13.24
N GLU A 132 1.58 6.51 13.32
CA GLU A 132 0.95 6.82 14.61
C GLU A 132 0.18 5.66 15.27
N MET A 133 0.27 4.48 14.66
CA MET A 133 -0.43 3.27 15.15
C MET A 133 -0.18 3.11 16.61
N ASN A 134 -1.25 2.84 17.34
CA ASN A 134 -1.20 2.75 18.81
C ASN A 134 -0.63 3.95 19.54
N THR A 135 -0.79 5.11 18.94
CA THR A 135 -0.54 6.40 19.61
C THR A 135 -1.81 7.25 19.56
N GLY A 136 -1.95 8.18 20.49
CA GLY A 136 -3.01 9.21 20.45
C GLY A 136 -4.39 8.65 20.46
N GLU A 137 -5.26 9.21 19.64
CA GLU A 137 -6.64 8.68 19.47
C GLU A 137 -6.67 7.42 18.61
N TYR A 138 -5.60 7.16 17.86
CA TYR A 138 -5.47 5.90 17.13
C TYR A 138 -5.60 4.68 18.06
N ALA A 139 -4.99 4.75 19.26
CA ALA A 139 -5.03 3.69 20.24
C ALA A 139 -6.47 3.47 20.73
N THR A 140 -7.15 4.59 20.98
CA THR A 140 -8.55 4.58 21.42
C THR A 140 -9.45 3.95 20.37
N GLU A 141 -9.46 4.50 19.17
CA GLU A 141 -10.43 4.05 18.16
C GLU A 141 -10.09 2.71 17.54
N HIS A 142 -8.83 2.28 17.66
CA HIS A 142 -8.33 1.03 17.04
C HIS A 142 -7.46 0.22 18.03
N PRO A 143 -8.09 -0.33 19.06
CA PRO A 143 -7.33 -1.07 20.06
C PRO A 143 -6.81 -2.38 19.54
N GLU A 144 -7.39 -2.89 18.48
CA GLU A 144 -6.88 -4.11 17.93
C GLU A 144 -5.42 -3.98 17.52
N GLU A 145 -4.99 -2.76 17.19
CA GLU A 145 -3.62 -2.43 16.71
C GLU A 145 -2.55 -2.28 17.79
N ALA A 146 -2.94 -2.42 19.07
CA ALA A 146 -1.96 -2.65 20.14
C ALA A 146 -1.25 -4.00 20.03
N ASN A 147 -1.68 -4.91 19.13
CA ASN A 147 -0.93 -6.19 18.95
C ASN A 147 -0.91 -6.66 17.51
N LEU A 148 -0.08 -6.02 16.72
CA LEU A 148 -0.20 -6.15 15.29
C LEU A 148 0.09 -7.57 14.80
N TRP A 149 1.06 -8.23 15.40
CA TRP A 149 1.34 -9.60 14.96
C TRP A 149 0.08 -10.47 15.12
N ASN A 150 -0.58 -10.29 16.26
CA ASN A 150 -1.84 -11.01 16.56
C ASN A 150 -2.95 -10.70 15.54
N LEU A 151 -3.04 -9.40 15.20
CA LEU A 151 -4.08 -8.86 14.29
C LEU A 151 -3.92 -9.33 12.88
N LEU A 152 -2.69 -9.50 12.43
CA LEU A 152 -2.43 -10.00 11.05
C LEU A 152 -2.80 -11.47 10.93
N ALA A 153 -2.45 -12.24 11.95
CA ALA A 153 -2.81 -13.65 12.01
C ALA A 153 -4.33 -13.76 11.93
N GLU A 154 -5.01 -12.91 12.67
CA GLU A 154 -6.46 -12.85 12.71
C GLU A 154 -7.01 -12.48 11.32
N ARG A 155 -6.45 -11.43 10.68
CA ARG A 155 -7.00 -10.91 9.37
C ARG A 155 -6.53 -11.61 8.13
N ALA A 156 -5.61 -12.54 8.27
CA ALA A 156 -4.99 -13.20 7.14
C ALA A 156 -6.01 -13.72 6.13
N PRO A 157 -7.04 -14.46 6.59
CA PRO A 157 -8.04 -14.95 5.65
C PRO A 157 -8.67 -13.88 4.76
N GLU A 158 -9.04 -12.75 5.38
CA GLU A 158 -9.73 -11.67 4.65
C GLU A 158 -8.84 -10.81 3.79
N LEU A 159 -7.58 -10.74 4.19
CA LEU A 159 -6.53 -10.21 3.36
C LEU A 159 -6.43 -11.04 2.10
N ALA A 160 -6.26 -12.36 2.26
CA ALA A 160 -6.26 -13.24 1.09
C ALA A 160 -7.50 -13.05 0.19
N GLU A 161 -8.69 -12.96 0.77
CA GLU A 161 -9.93 -12.75 -0.01
C GLU A 161 -9.96 -11.40 -0.76
N ALA A 162 -9.28 -10.41 -0.17
CA ALA A 162 -9.17 -9.05 -0.73
C ALA A 162 -8.26 -8.96 -1.95
N GLY A 163 -7.38 -9.94 -2.11
CA GLY A 163 -6.49 -9.98 -3.26
C GLY A 163 -5.03 -10.01 -2.88
N PHE A 164 -4.69 -9.72 -1.61
CA PHE A 164 -3.29 -9.49 -1.29
C PHE A 164 -2.52 -10.78 -1.40
N THR A 165 -1.30 -10.73 -1.96
CA THR A 165 -0.40 -11.89 -2.09
C THR A 165 0.85 -11.74 -1.23
N ALA A 166 1.07 -10.53 -0.69
CA ALA A 166 2.17 -10.29 0.23
C ALA A 166 1.87 -9.17 1.19
N VAL A 167 2.56 -9.17 2.31
CA VAL A 167 2.47 -8.13 3.34
C VAL A 167 3.89 -7.65 3.70
N TRP A 168 4.13 -6.35 3.57
CA TRP A 168 5.36 -5.79 4.09
C TRP A 168 5.11 -5.40 5.56
N LEU A 169 5.83 -6.05 6.47
CA LEU A 169 5.77 -5.69 7.88
C LEU A 169 6.65 -4.48 8.30
N PRO A 170 6.28 -3.77 9.40
CA PRO A 170 7.24 -2.84 9.96
C PRO A 170 8.50 -3.58 10.50
N PRO A 171 9.62 -2.87 10.69
CA PRO A 171 10.82 -3.54 11.14
C PRO A 171 10.45 -4.25 12.40
N ALA A 172 10.82 -5.54 12.47
CA ALA A 172 10.39 -6.48 13.53
C ALA A 172 11.36 -6.63 14.66
N ASN A 173 12.48 -5.93 14.65
CA ASN A 173 13.53 -6.09 15.67
C ASN A 173 13.57 -4.96 16.69
N LYS A 174 14.35 -5.16 17.74
CA LYS A 174 14.29 -4.21 18.84
C LYS A 174 14.91 -2.86 18.36
N GLY A 175 14.33 -1.74 18.80
CA GLY A 175 14.80 -0.38 18.46
C GLY A 175 15.14 0.40 19.72
N MET A 176 15.84 1.51 19.61
CA MET A 176 16.30 2.24 20.75
C MET A 176 15.16 2.75 21.63
N ALA A 177 13.99 3.10 21.02
CA ALA A 177 12.83 3.66 21.81
C ALA A 177 11.98 2.56 22.47
N GLY A 178 12.48 1.33 22.40
CA GLY A 178 11.82 0.19 23.00
C GLY A 178 10.42 0.00 22.48
N ILE A 179 9.45 -0.08 23.42
CA ILE A 179 8.03 -0.29 23.07
C ILE A 179 7.39 0.81 22.17
N HIS A 180 8.03 1.99 22.14
CA HIS A 180 7.58 3.11 21.33
C HIS A 180 8.28 3.33 19.96
N ASP A 181 9.20 2.42 19.61
CA ASP A 181 9.96 2.65 18.40
C ASP A 181 9.16 2.16 17.21
N VAL A 182 8.81 3.06 16.32
CA VAL A 182 8.17 2.62 15.14
C VAL A 182 9.03 1.55 14.47
N GLY A 183 10.34 1.53 14.77
CA GLY A 183 11.26 0.42 14.45
C GLY A 183 12.49 0.81 13.59
N TYR A 184 12.55 2.08 13.20
CA TYR A 184 13.66 2.58 12.48
C TYR A 184 14.84 2.99 13.42
N GLY A 185 14.69 3.00 14.74
CA GLY A 185 15.84 3.37 15.55
C GLY A 185 16.72 2.15 15.83
N THR A 186 17.21 1.47 14.77
CA THR A 186 17.69 0.10 14.90
C THR A 186 18.69 -0.10 16.03
N TYR A 187 18.43 -1.06 16.92
CA TYR A 187 19.32 -1.37 18.13
C TYR A 187 19.92 -2.75 17.96
N ASP A 188 19.07 -3.79 17.89
CA ASP A 188 19.49 -5.19 17.70
C ASP A 188 18.65 -5.98 16.70
N LEU A 189 19.22 -6.27 15.54
CA LEU A 189 18.55 -7.04 14.49
C LEU A 189 18.23 -8.46 14.85
N TRP A 190 18.92 -8.99 15.85
CA TRP A 190 18.78 -10.42 16.17
C TRP A 190 17.72 -10.66 17.26
N ASP A 191 17.20 -9.57 17.83
CA ASP A 191 16.18 -9.55 18.90
C ASP A 191 14.83 -9.17 18.26
N LEU A 192 14.05 -10.18 17.88
CA LEU A 192 12.74 -9.99 17.21
C LEU A 192 11.58 -9.93 18.26
N GLY A 193 11.88 -9.40 19.44
CA GLY A 193 10.88 -9.17 20.49
C GLY A 193 10.94 -10.30 21.45
N GLU A 194 12.15 -10.82 21.63
CA GLU A 194 12.36 -12.05 22.39
C GLU A 194 13.19 -11.82 23.67
N PHE A 195 13.96 -10.73 23.78
CA PHE A 195 14.84 -10.51 24.98
C PHE A 195 14.52 -9.21 25.69
N ASP A 196 14.89 -9.14 26.95
CA ASP A 196 14.63 -8.00 27.82
C ASP A 196 15.66 -6.99 27.42
N GLN A 197 15.37 -6.18 26.40
CA GLN A 197 16.31 -5.11 25.99
C GLN A 197 15.51 -3.83 25.79
N LYS A 198 16.15 -2.68 26.00
CA LYS A 198 15.55 -1.35 25.82
C LYS A 198 14.25 -1.06 26.57
N GLY A 199 14.05 -1.76 27.68
CA GLY A 199 12.90 -1.55 28.55
C GLY A 199 11.73 -2.48 28.32
N THR A 200 11.77 -3.34 27.30
CA THR A 200 10.64 -4.25 26.94
C THR A 200 11.18 -5.59 26.50
N VAL A 201 10.41 -6.66 26.59
CA VAL A 201 10.79 -7.92 25.90
C VAL A 201 10.25 -7.92 24.44
N ARG A 202 9.02 -7.49 24.34
CA ARG A 202 8.33 -7.40 23.03
C ARG A 202 8.72 -6.14 22.31
N THR A 203 8.54 -6.14 20.97
CA THR A 203 8.67 -4.93 20.22
C THR A 203 7.35 -4.20 20.30
N LYS A 204 7.19 -3.11 19.59
CA LYS A 204 5.94 -2.37 19.63
C LYS A 204 4.85 -3.29 19.11
N TYR A 205 5.20 -4.17 18.19
CA TYR A 205 4.25 -4.99 17.40
C TYR A 205 3.85 -6.36 18.05
N GLY A 206 4.69 -6.85 18.98
CA GLY A 206 4.43 -8.14 19.67
C GLY A 206 5.68 -8.95 19.91
N THR A 207 5.54 -10.21 20.27
CA THR A 207 6.69 -11.08 20.58
C THR A 207 7.13 -11.81 19.34
N LYS A 208 8.27 -12.47 19.46
CA LYS A 208 8.82 -13.34 18.41
C LYS A 208 7.86 -14.50 18.13
N GLY A 209 7.38 -15.14 19.22
CA GLY A 209 6.33 -16.18 19.18
C GLY A 209 5.15 -15.79 18.32
N GLU A 210 4.46 -14.72 18.74
CA GLU A 210 3.39 -14.07 17.93
C GLU A 210 3.76 -13.80 16.46
N LEU A 211 5.01 -13.36 16.25
CA LEU A 211 5.48 -13.06 14.92
C LEU A 211 5.52 -14.33 14.11
N GLU A 212 6.10 -15.39 14.72
CA GLU A 212 6.24 -16.69 14.07
C GLU A 212 4.88 -17.25 13.75
N ASN A 213 3.97 -16.97 14.67
CA ASN A 213 2.61 -17.40 14.54
C ASN A 213 1.91 -16.64 13.38
N ALA A 214 1.93 -15.33 13.41
CA ALA A 214 1.52 -14.53 12.24
C ALA A 214 2.09 -15.05 10.89
N ILE A 215 3.41 -15.29 10.79
CA ILE A 215 4.04 -15.84 9.57
C ILE A 215 3.32 -17.11 9.10
N ASP A 216 3.06 -17.99 10.04
CA ASP A 216 2.37 -19.27 9.67
C ASP A 216 0.95 -19.10 9.12
N ALA A 217 0.16 -18.29 9.82
CA ALA A 217 -1.19 -17.91 9.40
C ALA A 217 -1.23 -17.35 7.98
N LEU A 218 -0.26 -16.47 7.72
CA LEU A 218 -0.23 -15.74 6.47
C LEU A 218 0.12 -16.72 5.34
N HIS A 219 1.15 -17.53 5.59
CA HIS A 219 1.56 -18.58 4.67
C HIS A 219 0.43 -19.58 4.47
N ASN A 220 -0.27 -19.89 5.58
CA ASN A 220 -1.51 -20.70 5.61
C ASN A 220 -2.52 -20.26 4.56
N ASN A 221 -2.60 -18.96 4.34
CA ASN A 221 -3.51 -18.36 3.35
C ASN A 221 -2.79 -17.90 2.10
N ASP A 222 -1.59 -18.41 1.84
CA ASP A 222 -0.87 -18.06 0.63
C ASP A 222 -0.56 -16.59 0.50
N ILE A 223 0.07 -16.03 1.53
CA ILE A 223 0.46 -14.64 1.51
C ILE A 223 1.93 -14.65 1.94
N LYS A 224 2.77 -13.86 1.25
CA LYS A 224 4.20 -13.72 1.57
C LYS A 224 4.44 -12.59 2.54
N VAL A 225 5.54 -12.76 3.27
CA VAL A 225 5.90 -11.89 4.40
C VAL A 225 7.26 -11.31 4.17
N TYR A 226 7.28 -9.98 3.97
CA TYR A 226 8.50 -9.25 3.81
C TYR A 226 8.99 -8.52 5.12
N PHE A 227 10.30 -8.56 5.34
CA PHE A 227 10.95 -7.86 6.46
C PHE A 227 11.55 -6.45 6.03
N ASP A 228 11.33 -5.46 6.88
CA ASP A 228 11.82 -4.13 6.64
C ASP A 228 13.15 -4.01 7.35
N ALA A 229 14.19 -4.32 6.57
CA ALA A 229 15.58 -4.37 7.02
C ALA A 229 16.20 -2.95 7.06
N VAL A 230 16.48 -2.47 8.27
CA VAL A 230 17.09 -1.19 8.43
C VAL A 230 18.58 -1.41 8.70
N LEU A 231 19.38 -1.35 7.62
CA LEU A 231 20.84 -1.70 7.68
C LEU A 231 21.85 -0.48 7.74
N ASN A 232 21.37 0.77 7.67
CA ASN A 232 22.22 1.97 7.48
C ASN A 232 22.97 2.33 8.76
N HIS A 233 22.28 2.36 9.90
CA HIS A 233 22.83 2.88 11.13
C HIS A 233 22.46 1.99 12.33
N ARG A 234 22.92 2.39 13.51
CA ARG A 234 22.44 1.88 14.80
C ARG A 234 22.35 3.07 15.74
N MET A 235 21.47 2.91 16.72
CA MET A 235 21.18 3.90 17.74
C MET A 235 20.91 3.11 19.04
N GLY A 236 21.13 3.75 20.17
CA GLY A 236 20.77 3.15 21.43
C GLY A 236 21.91 2.39 22.09
N ALA A 237 23.16 2.74 21.73
CA ALA A 237 24.39 2.15 22.31
C ALA A 237 24.27 1.87 23.76
N ASP A 238 24.90 0.76 24.17
CA ASP A 238 25.03 0.32 25.56
C ASP A 238 26.07 1.17 26.25
N TYR A 239 27.08 1.63 25.52
CA TYR A 239 28.08 2.52 26.10
C TYR A 239 28.74 3.42 25.02
N ALA A 240 29.38 4.48 25.54
CA ALA A 240 30.17 5.47 24.75
C ALA A 240 31.71 5.22 24.79
N GLU A 241 32.39 5.58 23.72
CA GLU A 241 33.82 5.44 23.67
C GLU A 241 34.41 6.75 23.21
N THR A 242 35.71 6.98 23.53
CA THR A 242 36.54 8.11 23.06
C THR A 242 37.10 7.85 21.65
N VAL A 243 36.71 8.65 20.68
CA VAL A 243 37.10 8.36 19.30
C VAL A 243 37.77 9.64 18.68
N LEU A 244 38.93 9.43 18.03
CA LEU A 244 39.64 10.52 17.35
C LEU A 244 39.00 10.70 15.99
N LEU A 245 38.75 11.95 15.60
CA LEU A 245 38.19 12.21 14.28
C LEU A 245 39.28 12.46 13.21
N ASP A 246 39.03 11.99 11.99
CA ASP A 246 39.95 12.09 10.86
C ASP A 246 40.13 13.54 10.53
N GLU A 247 41.28 13.84 9.93
CA GLU A 247 41.62 15.20 9.51
C GLU A 247 40.73 15.66 8.37
N ASN A 248 40.13 14.78 7.58
CA ASN A 248 39.15 15.29 6.59
C ASN A 248 37.66 15.12 7.03
N SER A 249 37.45 15.07 8.33
CA SER A 249 36.11 15.13 8.85
C SER A 249 35.60 16.56 8.62
N ARG A 250 34.31 16.68 8.34
CA ARG A 250 33.69 17.99 8.05
C ARG A 250 33.57 18.80 9.31
N ASP A 251 33.38 18.14 10.46
CA ASP A 251 33.27 18.86 11.74
C ASP A 251 34.33 18.33 12.70
N LYS A 252 34.88 19.23 13.52
CA LYS A 252 35.89 18.87 14.54
C LYS A 252 37.03 17.96 14.06
N PRO A 253 37.55 18.22 12.83
CA PRO A 253 38.65 17.39 12.35
C PRO A 253 39.80 17.33 13.35
N GLY A 254 40.31 16.13 13.60
CA GLY A 254 41.50 15.90 14.41
C GLY A 254 41.27 15.98 15.89
N GLN A 255 40.00 16.22 16.24
CA GLN A 255 39.53 16.25 17.63
C GLN A 255 39.01 14.94 18.13
N TYR A 256 39.20 14.80 19.45
CA TYR A 256 38.66 13.69 20.21
C TYR A 256 37.20 14.03 20.62
N ILE A 257 36.26 13.15 20.22
CA ILE A 257 34.86 13.15 20.71
C ILE A 257 34.47 11.88 21.49
N LYS A 258 33.37 11.99 22.23
CA LYS A 258 32.79 10.88 22.96
C LYS A 258 31.53 10.36 22.20
N ALA A 259 31.65 9.15 21.62
CA ALA A 259 30.70 8.62 20.62
C ALA A 259 30.00 7.38 21.18
N TRP A 260 28.66 7.33 21.02
CA TRP A 260 27.80 6.20 21.44
C TRP A 260 27.87 5.10 20.35
N THR A 261 28.85 4.23 20.45
CA THR A 261 29.26 3.27 19.44
C THR A 261 29.46 1.87 20.05
N GLY A 262 29.21 1.69 21.35
CA GLY A 262 29.41 0.38 22.00
C GLY A 262 28.10 -0.37 22.20
N PHE A 263 27.91 -1.44 21.42
CA PHE A 263 26.74 -2.35 21.44
C PHE A 263 27.12 -3.79 21.80
N ASN A 264 26.83 -4.26 23.01
CA ASN A 264 27.07 -5.68 23.35
C ASN A 264 25.82 -6.51 23.58
N PHE A 265 24.64 -5.89 23.52
CA PHE A 265 23.37 -6.58 23.62
C PHE A 265 23.26 -7.57 24.80
N PRO A 266 23.30 -7.07 26.08
CA PRO A 266 23.41 -7.97 27.26
C PRO A 266 22.16 -8.86 27.63
N GLY A 267 20.98 -8.29 27.43
CA GLY A 267 19.76 -9.05 27.53
C GLY A 267 19.67 -10.24 26.59
N ARG A 268 20.46 -10.22 25.51
CA ARG A 268 20.42 -11.30 24.54
C ARG A 268 21.49 -12.36 24.83
N ASN A 269 22.60 -11.95 25.42
CA ASN A 269 23.64 -12.87 25.90
C ASN A 269 24.18 -13.87 24.84
N GLY A 270 24.35 -13.38 23.63
CA GLY A 270 25.11 -14.10 22.63
C GLY A 270 24.34 -15.11 21.83
N GLU A 271 23.03 -15.16 21.99
CA GLU A 271 22.26 -16.13 21.26
C GLU A 271 22.19 -15.73 19.78
N TYR A 272 22.21 -16.72 18.89
CA TYR A 272 22.21 -16.58 17.43
C TYR A 272 23.54 -16.03 16.89
N SER A 273 24.10 -14.99 17.54
CA SER A 273 25.38 -14.37 17.12
C SER A 273 26.15 -13.78 18.34
N ASN A 274 27.44 -14.08 18.50
CA ASN A 274 28.17 -13.44 19.62
C ASN A 274 29.01 -12.20 19.19
N PHE A 275 28.64 -11.63 18.04
CA PHE A 275 29.29 -10.46 17.53
C PHE A 275 28.86 -9.28 18.39
N THR A 276 29.84 -8.44 18.71
CA THR A 276 29.60 -7.18 19.40
C THR A 276 30.18 -5.98 18.60
N TRP A 277 29.63 -4.79 18.82
CA TRP A 277 29.96 -3.59 18.06
C TRP A 277 30.73 -2.57 18.93
N ASN A 278 31.72 -1.92 18.32
CA ASN A 278 32.44 -0.76 18.89
C ASN A 278 32.77 0.27 17.81
N GLY A 279 33.56 1.28 18.15
CA GLY A 279 33.89 2.37 17.20
C GLY A 279 34.42 1.88 15.87
N GLN A 280 35.19 0.81 15.92
CA GLN A 280 35.78 0.32 14.70
C GLN A 280 34.80 -0.28 13.69
N CYS A 281 33.51 -0.44 14.07
CA CYS A 281 32.43 -0.95 13.19
C CYS A 281 31.63 0.11 12.45
N PHE A 282 31.98 1.37 12.70
CA PHE A 282 31.26 2.54 12.17
C PHE A 282 32.27 3.52 11.54
N ASP A 283 31.81 4.27 10.54
CA ASP A 283 32.56 5.30 9.85
C ASP A 283 32.38 6.62 10.63
N GLY A 284 31.23 6.80 11.24
CA GLY A 284 31.09 7.97 12.08
C GLY A 284 29.74 8.07 12.78
N THR A 285 29.49 9.24 13.36
CA THR A 285 28.26 9.58 14.09
C THR A 285 27.87 11.09 14.01
N ASP A 286 26.79 11.48 14.71
CA ASP A 286 26.29 12.87 14.68
C ASP A 286 26.13 13.52 16.01
N TRP A 287 26.78 13.03 17.05
CA TRP A 287 26.67 13.59 18.41
C TRP A 287 27.99 13.32 19.15
N ASP A 288 28.43 14.33 19.88
CA ASP A 288 29.62 14.27 20.73
C ASP A 288 29.13 14.65 22.11
N ASP A 289 29.33 13.74 23.05
CA ASP A 289 28.80 13.85 24.36
C ASP A 289 29.74 14.59 25.26
N TYR A 290 30.90 15.02 24.77
CA TYR A 290 31.70 15.92 25.58
C TYR A 290 31.10 17.32 25.37
N SER A 291 31.06 17.73 24.10
CA SER A 291 30.69 19.09 23.78
C SER A 291 29.18 19.24 23.72
N LYS A 292 28.47 18.11 23.63
CA LYS A 292 27.01 18.08 23.53
C LYS A 292 26.55 18.82 22.32
N GLU A 293 27.14 18.48 21.18
CA GLU A 293 26.92 19.21 19.88
C GLU A 293 26.77 18.26 18.69
N SER A 294 25.71 18.44 17.91
CA SER A 294 25.53 17.65 16.71
C SER A 294 26.45 18.14 15.60
N GLY A 295 26.67 17.27 14.63
CA GLY A 295 27.44 17.62 13.44
C GLY A 295 27.57 16.32 12.68
N LYS A 296 28.57 16.22 11.83
CA LYS A 296 28.80 15.06 10.98
C LYS A 296 30.29 14.75 11.14
N TYR A 297 30.54 13.71 11.95
CA TYR A 297 31.85 13.41 12.50
C TYR A 297 32.38 12.10 11.91
N LEU A 298 33.43 12.20 11.08
CA LEU A 298 34.08 11.03 10.46
C LEU A 298 35.22 10.57 11.41
N PHE A 299 35.35 9.24 11.58
CA PHE A 299 36.27 8.65 12.51
C PHE A 299 37.65 8.40 11.83
N ASP A 300 38.70 8.52 12.66
CA ASP A 300 40.07 8.45 12.21
C ASP A 300 40.35 7.20 11.35
N GLU A 301 40.97 7.40 10.20
CA GLU A 301 41.24 6.34 9.26
C GLU A 301 40.02 5.66 8.61
N LYS A 302 38.79 6.07 8.94
CA LYS A 302 37.61 5.52 8.27
C LYS A 302 37.33 6.35 7.03
N SER A 303 36.60 5.79 6.06
CA SER A 303 36.07 6.60 4.99
C SER A 303 34.61 6.25 4.63
N TRP A 304 33.87 7.23 4.16
CA TRP A 304 32.51 6.99 3.80
C TRP A 304 32.48 5.99 2.67
N ASP A 305 31.44 5.16 2.64
CA ASP A 305 31.33 4.06 1.69
C ASP A 305 30.86 4.55 0.39
N TRP A 306 31.12 3.81 -0.66
CA TRP A 306 30.72 4.25 -1.99
C TRP A 306 29.22 4.26 -2.14
N THR A 307 28.65 5.41 -2.47
CA THR A 307 27.23 5.50 -2.72
C THR A 307 26.98 6.09 -4.05
N TYR A 308 25.79 5.88 -4.59
CA TYR A 308 25.37 6.51 -5.85
C TYR A 308 25.65 7.99 -5.98
N ASN A 309 25.13 8.79 -5.08
CA ASN A 309 25.46 10.20 -5.05
C ASN A 309 26.58 10.42 -4.05
N TRP A 310 27.38 11.43 -4.33
CA TRP A 310 28.55 11.75 -3.52
C TRP A 310 28.22 12.12 -2.11
N ASP A 311 28.91 11.52 -1.13
CA ASP A 311 28.75 11.91 0.28
C ASP A 311 27.30 11.72 0.90
N GLU A 312 26.59 10.71 0.40
CA GLU A 312 25.28 10.34 0.92
C GLU A 312 25.37 9.14 1.80
N ASP A 313 26.54 8.76 2.28
CA ASP A 313 26.59 7.63 3.20
C ASP A 313 26.05 8.12 4.56
N TYR A 314 26.43 9.30 5.03
CA TYR A 314 25.93 9.72 6.36
C TYR A 314 24.46 10.20 6.30
N LEU A 315 23.58 9.61 7.12
CA LEU A 315 22.18 10.07 7.30
C LEU A 315 21.89 10.43 8.80
N MET A 316 22.01 9.47 9.71
CA MET A 316 21.71 9.71 11.17
C MET A 316 22.33 8.58 11.92
N GLY A 317 22.50 8.72 13.21
CA GLY A 317 22.92 7.53 13.97
C GLY A 317 24.37 7.21 13.88
N ALA A 318 24.80 6.14 14.54
CA ALA A 318 26.15 5.72 14.37
C ALA A 318 26.15 5.06 12.94
N ASP A 319 26.93 5.54 11.99
CA ASP A 319 26.81 5.06 10.56
C ASP A 319 27.63 3.81 10.40
N VAL A 320 27.11 2.77 9.79
CA VAL A 320 27.81 1.48 9.75
C VAL A 320 28.92 1.52 8.71
N ASP A 321 30.05 0.87 9.01
CA ASP A 321 31.13 0.82 8.07
C ASP A 321 31.06 -0.49 7.31
N TYR A 322 30.53 -0.48 6.08
CA TYR A 322 30.45 -1.71 5.26
C TYR A 322 31.73 -2.07 4.52
N GLU A 323 32.81 -1.32 4.75
CA GLU A 323 34.14 -1.79 4.34
C GLU A 323 34.71 -2.74 5.38
N ASN A 324 34.14 -2.75 6.60
CA ASN A 324 34.55 -3.67 7.69
C ASN A 324 34.04 -5.13 7.51
N GLU A 325 34.94 -6.08 7.30
CA GLU A 325 34.58 -7.45 6.99
C GLU A 325 33.82 -8.18 8.03
N ALA A 326 34.18 -7.98 9.32
CA ALA A 326 33.47 -8.67 10.42
C ALA A 326 32.03 -8.14 10.42
N VAL A 327 31.84 -6.86 10.19
CA VAL A 327 30.48 -6.34 10.16
C VAL A 327 29.74 -6.89 8.96
N GLN A 328 30.36 -6.91 7.81
CA GLN A 328 29.70 -7.49 6.63
C GLN A 328 29.21 -8.89 6.91
N ASN A 329 30.06 -9.71 7.54
CA ASN A 329 29.75 -11.11 7.71
C ASN A 329 28.58 -11.36 8.66
N ASP A 330 28.46 -10.64 9.77
CA ASP A 330 27.28 -10.77 10.66
C ASP A 330 25.97 -10.40 9.97
N VAL A 331 25.97 -9.27 9.29
CA VAL A 331 24.76 -8.80 8.59
C VAL A 331 24.30 -9.71 7.44
N ILE A 332 25.22 -10.42 6.81
CA ILE A 332 24.91 -11.43 5.82
C ILE A 332 24.28 -12.66 6.53
N ASP A 333 24.86 -13.10 7.64
CA ASP A 333 24.30 -14.17 8.45
C ASP A 333 22.86 -13.88 8.90
N TRP A 334 22.60 -12.68 9.42
CA TRP A 334 21.25 -12.29 9.90
C TRP A 334 20.20 -12.38 8.78
N GLY A 335 20.55 -11.91 7.63
CA GLY A 335 19.60 -11.96 6.52
C GLY A 335 19.34 -13.37 6.03
N GLN A 336 20.33 -14.24 6.11
CA GLN A 336 20.11 -15.65 5.80
C GLN A 336 19.17 -16.31 6.84
N TRP A 337 19.38 -15.94 8.12
CA TRP A 337 18.55 -16.38 9.24
C TRP A 337 17.09 -15.95 9.09
N ILE A 338 16.89 -14.71 8.67
CA ILE A 338 15.55 -14.16 8.57
C ILE A 338 14.79 -14.99 7.55
N ILE A 339 15.47 -15.31 6.44
CA ILE A 339 14.88 -16.15 5.39
C ILE A 339 14.79 -17.63 5.74
N ASN A 340 15.91 -18.27 6.01
CA ASN A 340 15.94 -19.71 6.13
C ASN A 340 15.58 -20.23 7.48
N ASN A 341 15.72 -19.42 8.53
CA ASN A 341 15.41 -19.89 9.88
C ASN A 341 14.02 -19.41 10.32
N ILE A 342 13.74 -18.10 10.19
CA ILE A 342 12.47 -17.49 10.62
C ILE A 342 11.41 -17.49 9.48
N ASP A 343 11.86 -17.93 8.31
CA ASP A 343 11.01 -18.21 7.17
C ASP A 343 10.33 -17.00 6.51
N PHE A 344 10.97 -15.83 6.48
CA PHE A 344 10.43 -14.74 5.70
C PHE A 344 10.68 -14.96 4.22
N ASP A 345 9.96 -14.18 3.37
CA ASP A 345 9.95 -14.41 1.92
C ASP A 345 10.65 -13.28 1.13
N GLY A 346 11.07 -12.21 1.81
CA GLY A 346 11.68 -11.07 1.17
C GLY A 346 11.94 -9.91 2.11
N PHE A 347 12.47 -8.80 1.51
CA PHE A 347 12.93 -7.62 2.28
C PHE A 347 12.53 -6.30 1.60
N ARG A 348 12.17 -5.33 2.41
CA ARG A 348 12.29 -3.96 1.98
C ARG A 348 13.62 -3.46 2.56
N LEU A 349 14.47 -2.86 1.71
CA LEU A 349 15.74 -2.23 2.13
C LEU A 349 15.61 -0.73 2.38
N ASP A 350 15.67 -0.37 3.66
CA ASP A 350 15.42 0.98 4.06
C ASP A 350 16.61 1.84 3.70
N ALA A 351 16.35 3.05 3.19
CA ALA A 351 17.40 4.06 2.98
C ALA A 351 18.49 3.51 2.08
N VAL A 352 18.10 2.79 1.04
CA VAL A 352 19.05 1.93 0.34
C VAL A 352 20.12 2.80 -0.35
N LYS A 353 19.87 4.07 -0.57
CA LYS A 353 20.86 4.85 -1.30
C LYS A 353 21.97 5.40 -0.39
N HIS A 354 21.78 5.32 0.94
CA HIS A 354 22.85 5.69 1.89
C HIS A 354 23.70 4.56 2.40
N ILE A 355 23.72 3.47 1.63
CA ILE A 355 24.44 2.22 2.02
C ILE A 355 25.32 1.81 0.87
N ASP A 356 26.57 1.55 1.24
CA ASP A 356 27.54 1.08 0.31
C ASP A 356 26.92 0.20 -0.77
N TYR A 357 26.86 0.64 -2.01
CA TYR A 357 26.18 -0.16 -3.01
C TYR A 357 26.88 -1.47 -3.35
N ARG A 358 28.11 -1.66 -2.87
CA ARG A 358 28.87 -2.88 -3.17
C ARG A 358 28.37 -3.88 -2.21
N PHE A 359 28.14 -3.45 -0.96
CA PHE A 359 27.57 -4.35 0.02
C PHE A 359 26.12 -4.75 -0.26
N ILE A 360 25.23 -3.82 -0.63
CA ILE A 360 23.87 -4.20 -1.00
C ILE A 360 23.88 -5.33 -2.08
N ASP A 361 24.72 -5.27 -3.10
CA ASP A 361 24.77 -6.33 -4.12
C ASP A 361 25.28 -7.61 -3.49
N LYS A 362 26.34 -7.51 -2.70
CA LYS A 362 26.97 -8.71 -2.09
C LYS A 362 26.01 -9.46 -1.16
N TRP A 363 25.29 -8.67 -0.37
CA TRP A 363 24.34 -9.19 0.59
C TRP A 363 23.12 -9.79 -0.09
N MET A 364 22.57 -9.04 -1.05
CA MET A 364 21.42 -9.56 -1.76
C MET A 364 21.80 -10.91 -2.35
N SER A 365 22.97 -10.99 -2.95
CA SER A 365 23.40 -12.23 -3.62
C SER A 365 23.63 -13.37 -2.67
N ALA A 366 24.20 -13.07 -1.49
CA ALA A 366 24.54 -14.11 -0.54
C ALA A 366 23.24 -14.67 -0.03
N VAL A 367 22.34 -13.78 0.37
CA VAL A 367 21.00 -14.20 0.86
C VAL A 367 20.22 -15.04 -0.20
N GLN A 368 20.07 -14.49 -1.41
CA GLN A 368 19.41 -15.21 -2.49
C GLN A 368 20.03 -16.64 -2.73
N ASN A 369 21.32 -16.71 -2.96
CA ASN A 369 22.01 -18.01 -3.18
C ASN A 369 21.87 -19.00 -2.03
N SER A 370 21.53 -18.49 -0.84
CA SER A 370 21.47 -19.31 0.36
C SER A 370 20.25 -20.25 0.41
N SER A 371 19.21 -19.99 -0.35
CA SER A 371 18.05 -20.88 -0.37
C SER A 371 17.49 -20.99 -1.77
N ASN A 372 16.68 -22.02 -2.02
CA ASN A 372 16.03 -22.14 -3.33
C ASN A 372 14.79 -21.27 -3.56
N ARG A 373 14.23 -20.73 -2.50
CA ARG A 373 13.13 -19.83 -2.70
C ARG A 373 13.65 -18.59 -3.35
N ASP A 374 12.84 -17.99 -4.21
CA ASP A 374 13.21 -16.83 -4.97
C ASP A 374 12.87 -15.61 -4.10
N VAL A 375 13.88 -15.11 -3.40
CA VAL A 375 13.68 -14.04 -2.48
C VAL A 375 13.43 -12.72 -3.24
N PHE A 376 12.69 -11.84 -2.59
CA PHE A 376 12.13 -10.60 -3.17
C PHE A 376 12.69 -9.44 -2.41
N PHE A 377 13.20 -8.48 -3.17
CA PHE A 377 13.88 -7.29 -2.67
C PHE A 377 13.31 -5.97 -3.32
N VAL A 378 12.90 -5.04 -2.47
CA VAL A 378 12.50 -3.67 -2.88
C VAL A 378 13.28 -2.64 -2.09
N GLY A 379 14.03 -1.76 -2.74
CA GLY A 379 14.77 -0.74 -1.96
C GLY A 379 13.98 0.57 -1.84
N GLU A 380 14.12 1.24 -0.67
CA GLU A 380 13.60 2.60 -0.57
C GLU A 380 14.76 3.46 -0.99
N ALA A 381 14.74 3.88 -2.27
CA ALA A 381 15.67 4.84 -2.79
C ALA A 381 14.85 6.06 -3.25
N TRP A 382 14.84 7.11 -2.41
CA TRP A 382 13.95 8.22 -2.48
C TRP A 382 14.59 9.24 -3.46
N VAL A 383 14.23 9.09 -4.76
CA VAL A 383 14.79 9.74 -5.91
C VAL A 383 13.62 9.99 -6.86
N GLU A 384 13.28 11.24 -7.17
CA GLU A 384 12.00 11.55 -7.88
C GLU A 384 12.02 11.72 -9.42
N ASP A 385 13.22 11.75 -9.99
CA ASP A 385 13.41 11.72 -11.42
C ASP A 385 13.69 10.30 -11.87
N VAL A 386 13.05 9.87 -12.96
CA VAL A 386 13.14 8.48 -13.41
C VAL A 386 14.52 8.09 -13.88
N ASP A 387 15.19 9.01 -14.55
CA ASP A 387 16.52 8.75 -15.02
C ASP A 387 17.51 8.68 -13.90
N ASP A 388 17.41 9.50 -12.87
CA ASP A 388 18.23 9.29 -11.67
C ASP A 388 18.03 7.89 -11.07
N LEU A 389 16.79 7.42 -11.05
CA LEU A 389 16.46 6.14 -10.43
C LEU A 389 16.95 4.94 -11.23
N LYS A 390 16.78 4.97 -12.53
CA LYS A 390 17.50 4.10 -13.45
C LYS A 390 19.01 4.08 -13.19
N GLY A 391 19.61 5.25 -13.10
CA GLY A 391 21.03 5.34 -12.82
C GLY A 391 21.42 4.66 -11.53
N PHE A 392 20.55 4.75 -10.54
CA PHE A 392 20.80 4.08 -9.23
C PHE A 392 20.86 2.56 -9.35
N LEU A 393 19.91 2.04 -10.09
CA LEU A 393 19.72 0.63 -10.30
C LEU A 393 20.81 0.07 -11.15
N ASP A 394 21.25 0.86 -12.12
CA ASP A 394 22.48 0.50 -12.86
C ASP A 394 23.75 0.52 -11.96
N THR A 395 23.83 1.41 -10.98
CA THR A 395 25.02 1.53 -10.17
C THR A 395 25.08 0.31 -9.28
N VAL A 396 23.99 -0.12 -8.67
CA VAL A 396 24.03 -1.28 -7.79
C VAL A 396 24.29 -2.56 -8.63
N GLY A 397 23.61 -2.72 -9.77
CA GLY A 397 23.99 -3.82 -10.71
C GLY A 397 23.51 -5.23 -10.34
N ASN A 398 22.53 -5.33 -9.40
CA ASN A 398 21.92 -6.61 -8.98
C ASN A 398 20.57 -6.75 -9.64
N PRO A 399 20.42 -7.73 -10.54
CA PRO A 399 19.12 -7.77 -11.26
C PRO A 399 17.88 -8.05 -10.39
N ASP A 400 18.04 -8.44 -9.12
CA ASP A 400 16.92 -8.75 -8.23
C ASP A 400 16.34 -7.51 -7.59
N LEU A 401 17.02 -6.36 -7.69
CA LEU A 401 16.58 -5.18 -6.94
C LEU A 401 15.49 -4.45 -7.68
N ARG A 402 14.35 -4.41 -7.03
CA ARG A 402 13.28 -3.54 -7.44
C ARG A 402 13.38 -2.37 -6.47
N VAL A 403 12.65 -1.30 -6.81
CA VAL A 403 12.63 -0.02 -6.08
C VAL A 403 11.21 0.64 -6.04
N PHE A 404 10.88 1.39 -4.98
CA PHE A 404 9.60 2.10 -4.96
C PHE A 404 9.64 3.19 -6.02
N ASP A 405 8.52 3.34 -6.74
CA ASP A 405 8.34 4.31 -7.84
C ASP A 405 7.95 5.71 -7.32
N PHE A 406 8.88 6.33 -6.62
CA PHE A 406 8.73 7.73 -6.26
C PHE A 406 8.53 8.68 -7.48
N PRO A 407 9.18 8.42 -8.62
CA PRO A 407 8.87 9.23 -9.84
C PRO A 407 7.44 9.30 -10.25
N LEU A 408 6.74 8.18 -10.24
CA LEU A 408 5.27 8.15 -10.47
C LEU A 408 4.48 8.92 -9.40
N ARG A 409 4.82 8.80 -8.13
CA ARG A 409 4.07 9.50 -7.08
C ARG A 409 4.14 11.01 -7.22
N SER A 410 5.26 11.47 -7.73
CA SER A 410 5.42 12.87 -8.07
C SER A 410 4.29 13.28 -9.05
N PHE A 411 3.82 12.37 -9.91
CA PHE A 411 2.69 12.73 -10.83
C PHE A 411 1.41 12.83 -9.99
N PHE A 412 1.29 11.95 -8.97
CA PHE A 412 0.11 12.00 -8.17
C PHE A 412 0.12 13.29 -7.36
N VAL A 413 1.27 13.79 -6.89
CA VAL A 413 1.35 15.15 -6.26
C VAL A 413 0.93 16.30 -7.22
N ASP A 414 1.33 16.17 -8.48
CA ASP A 414 0.94 17.08 -9.59
C ASP A 414 -0.55 17.11 -9.63
N MET A 415 -1.17 15.93 -9.68
CA MET A 415 -2.64 15.89 -9.76
C MET A 415 -3.38 16.64 -8.63
N LEU A 416 -2.78 16.94 -7.49
CA LEU A 416 -3.54 17.54 -6.38
C LEU A 416 -4.28 18.79 -6.87
N ASN A 417 -3.67 19.56 -7.78
CA ASN A 417 -4.28 20.81 -8.24
C ASN A 417 -4.48 20.79 -9.75
N GLY A 418 -4.42 19.62 -10.37
CA GLY A 418 -4.62 19.56 -11.78
C GLY A 418 -3.30 19.28 -12.47
N ALA A 419 -3.32 18.17 -13.24
CA ALA A 419 -2.23 17.70 -14.08
C ALA A 419 -2.66 17.57 -15.54
N TYR A 420 -1.72 17.32 -16.41
CA TYR A 420 -2.02 17.01 -17.77
C TYR A 420 -2.15 15.52 -17.93
N MET A 421 -3.38 15.04 -17.96
CA MET A 421 -3.62 13.60 -17.63
C MET A 421 -3.09 12.61 -18.68
N ALA A 422 -3.07 13.03 -19.94
CA ALA A 422 -2.40 12.31 -21.01
C ALA A 422 -0.98 11.86 -20.72
N ASP A 423 -0.23 12.64 -19.94
CA ASP A 423 1.19 12.32 -19.64
C ASP A 423 1.38 11.09 -18.71
N LEU A 424 0.28 10.50 -18.25
CA LEU A 424 0.37 9.24 -17.43
C LEU A 424 0.80 8.05 -18.30
N ARG A 425 0.68 8.21 -19.59
CA ARG A 425 1.20 7.25 -20.56
C ARG A 425 2.72 7.04 -20.40
N ASN A 426 3.43 8.05 -19.90
CA ASN A 426 4.86 8.02 -19.82
C ASN A 426 5.45 8.32 -18.45
N ALA A 427 4.70 8.22 -17.36
CA ALA A 427 5.19 8.66 -16.05
C ALA A 427 5.72 7.48 -15.23
N GLY A 428 6.77 7.71 -14.48
CA GLY A 428 7.28 6.74 -13.52
C GLY A 428 8.25 5.75 -14.07
N LEU A 429 9.00 5.09 -13.23
CA LEU A 429 9.79 3.98 -13.64
C LEU A 429 8.96 2.91 -14.30
N VAL A 430 7.71 2.73 -13.80
CA VAL A 430 6.78 1.73 -14.28
C VAL A 430 6.49 1.86 -15.78
N ASN A 431 6.90 2.97 -16.39
CA ASN A 431 6.85 3.16 -17.85
C ASN A 431 8.21 3.44 -18.57
N SER A 432 9.35 3.15 -17.94
CA SER A 432 10.66 3.31 -18.58
C SER A 432 11.06 2.04 -19.25
N PRO A 433 11.09 1.99 -20.56
CA PRO A 433 11.41 0.70 -21.20
C PRO A 433 12.65 0.06 -20.67
N GLY A 434 12.58 -1.20 -20.32
CA GLY A 434 13.73 -1.89 -19.74
C GLY A 434 13.70 -1.96 -18.21
N TYR A 435 12.87 -1.13 -17.60
CA TYR A 435 12.80 -1.01 -16.12
C TYR A 435 11.38 -1.17 -15.49
N GLU A 436 10.35 -1.34 -16.30
CA GLU A 436 9.02 -1.33 -15.83
C GLU A 436 8.78 -2.36 -14.73
N ASN A 437 9.30 -3.57 -14.85
CA ASN A 437 9.01 -4.58 -13.82
C ASN A 437 9.91 -4.52 -12.60
N ARG A 438 10.80 -3.59 -12.49
CA ARG A 438 11.54 -3.40 -11.25
C ARG A 438 10.88 -2.32 -10.39
N ALA A 439 9.71 -1.85 -10.84
CA ALA A 439 8.99 -0.78 -10.14
C ALA A 439 7.99 -1.34 -9.14
N VAL A 440 8.09 -0.92 -7.89
CA VAL A 440 7.04 -1.19 -6.90
C VAL A 440 6.26 0.12 -6.68
N THR A 441 5.03 0.13 -7.12
CA THR A 441 4.25 1.34 -7.25
C THR A 441 3.37 1.47 -6.03
N PHE A 442 3.06 2.70 -5.66
CA PHE A 442 2.40 3.04 -4.41
C PHE A 442 1.90 4.46 -4.46
N VAL A 443 1.01 4.83 -3.57
CA VAL A 443 0.43 6.15 -3.59
C VAL A 443 0.88 6.96 -2.35
N ASP A 444 0.88 6.33 -1.18
CA ASP A 444 1.40 6.99 0.02
C ASP A 444 2.09 5.94 0.92
N ASN A 445 2.77 6.42 1.97
CA ASN A 445 3.40 5.58 2.96
C ASN A 445 3.67 6.36 4.24
N HIS A 446 4.31 5.70 5.21
CA HIS A 446 4.49 6.25 6.56
C HIS A 446 5.32 7.53 6.65
N ASP A 447 5.99 7.86 5.54
CA ASP A 447 6.82 9.08 5.42
C ASP A 447 6.09 10.14 4.66
N THR A 448 5.35 9.74 3.62
CA THR A 448 4.62 10.71 2.77
C THR A 448 3.30 11.21 3.36
N ASP A 449 2.64 10.37 4.17
CA ASP A 449 1.39 10.69 4.87
C ASP A 449 1.52 10.44 6.37
N ARG A 450 1.88 11.50 7.09
CA ARG A 450 1.88 11.40 8.53
C ARG A 450 1.40 12.71 9.14
N ASP A 451 0.92 12.61 10.38
CA ASP A 451 0.18 13.68 11.03
C ASP A 451 1.01 14.92 11.24
N GLU A 452 2.10 14.75 11.96
CA GLU A 452 3.03 15.84 12.24
C GLU A 452 4.40 15.38 11.76
N GLY A 453 5.16 16.32 11.20
CA GLY A 453 6.58 16.13 10.86
C GLY A 453 6.81 15.42 9.54
N SER A 454 5.80 15.47 8.67
CA SER A 454 5.87 14.76 7.40
C SER A 454 6.91 15.39 6.46
N TYR A 455 7.50 14.57 5.57
CA TYR A 455 8.56 15.00 4.65
C TYR A 455 8.05 15.61 3.32
N THR A 456 6.79 15.30 2.99
CA THR A 456 6.14 15.87 1.82
C THR A 456 4.62 16.04 2.14
N VAL A 457 3.87 16.53 1.18
CA VAL A 457 2.44 16.56 1.25
C VAL A 457 1.88 15.17 0.88
N SER A 458 0.90 14.69 1.65
CA SER A 458 0.19 13.44 1.32
C SER A 458 -0.67 13.61 0.08
N ILE A 459 -1.16 12.50 -0.46
CA ILE A 459 -1.99 12.55 -1.69
C ILE A 459 -3.41 12.67 -1.19
N TYR A 460 -3.75 13.82 -0.66
CA TYR A 460 -5.04 14.02 0.03
C TYR A 460 -6.26 14.23 -0.89
N SER A 461 -6.09 14.21 -2.19
CA SER A 461 -7.19 14.44 -3.12
C SER A 461 -6.88 13.61 -4.35
N ARG A 462 -7.91 12.97 -4.93
CA ARG A 462 -7.72 12.07 -6.08
C ARG A 462 -6.92 10.80 -5.81
N LYS A 463 -6.96 10.37 -4.56
CA LYS A 463 -6.22 9.22 -4.14
C LYS A 463 -6.74 7.91 -4.77
N TYR A 464 -8.06 7.84 -5.07
CA TYR A 464 -8.71 6.64 -5.65
C TYR A 464 -8.29 6.49 -7.13
N GLN A 465 -8.23 7.61 -7.87
CA GLN A 465 -7.74 7.68 -9.26
C GLN A 465 -6.31 7.11 -9.32
N ALA A 466 -5.51 7.46 -8.34
CA ALA A 466 -4.14 7.05 -8.32
C ALA A 466 -4.07 5.52 -8.04
N TYR A 467 -4.76 4.98 -7.03
CA TYR A 467 -4.79 3.49 -6.81
C TYR A 467 -5.41 2.76 -8.04
N ALA A 468 -6.38 3.35 -8.69
CA ALA A 468 -7.02 2.72 -9.85
C ALA A 468 -5.99 2.52 -10.99
N TYR A 469 -5.09 3.51 -11.15
CA TYR A 469 -3.98 3.45 -12.11
C TYR A 469 -2.97 2.37 -11.78
N ILE A 470 -2.46 2.37 -10.53
CA ILE A 470 -1.45 1.40 -10.22
C ILE A 470 -2.02 0.00 -10.20
N LEU A 471 -3.24 -0.15 -9.67
CA LEU A 471 -3.86 -1.48 -9.54
C LEU A 471 -4.24 -2.13 -10.84
N THR A 472 -4.58 -1.34 -11.86
CA THR A 472 -4.95 -1.95 -13.16
C THR A 472 -3.82 -2.25 -14.15
N ARG A 473 -2.59 -1.87 -13.79
CA ARG A 473 -1.45 -1.75 -14.75
C ARG A 473 -0.72 -3.06 -14.99
N ALA A 474 -0.34 -3.33 -16.25
CA ALA A 474 0.26 -4.61 -16.60
C ALA A 474 1.65 -4.82 -16.04
N GLU A 475 2.36 -3.76 -15.64
CA GLU A 475 3.74 -3.86 -15.21
C GLU A 475 3.88 -3.31 -13.80
N GLY A 476 4.95 -3.65 -13.14
CA GLY A 476 5.13 -3.38 -11.70
C GLY A 476 4.29 -4.21 -10.74
N VAL A 477 4.44 -3.96 -9.44
CA VAL A 477 3.69 -4.60 -8.38
C VAL A 477 3.19 -3.47 -7.45
N PRO A 478 1.86 -3.26 -7.32
CA PRO A 478 1.35 -2.11 -6.53
C PRO A 478 1.29 -2.42 -5.04
N THR A 479 1.32 -1.37 -4.21
CA THR A 479 1.31 -1.46 -2.72
C THR A 479 0.13 -0.57 -2.21
N VAL A 480 -0.72 -1.15 -1.34
CA VAL A 480 -1.74 -0.41 -0.60
C VAL A 480 -1.28 -0.05 0.79
N TYR A 481 -1.52 1.20 1.14
CA TYR A 481 -1.09 1.69 2.45
C TYR A 481 -2.15 1.35 3.47
N TRP A 482 -1.75 0.63 4.52
CA TRP A 482 -2.65 0.42 5.64
C TRP A 482 -3.47 1.64 6.13
N LYS A 483 -2.85 2.80 6.23
CA LYS A 483 -3.57 3.95 6.80
C LYS A 483 -4.74 4.28 5.84
N ASP A 484 -4.54 4.13 4.53
CA ASP A 484 -5.60 4.32 3.55
C ASP A 484 -6.76 3.32 3.67
N TYR A 485 -6.44 2.09 4.04
CA TYR A 485 -7.39 1.00 3.89
C TYR A 485 -8.27 0.84 5.09
N TYR A 486 -7.69 1.12 6.25
CA TYR A 486 -8.29 0.85 7.56
C TYR A 486 -8.53 2.13 8.36
N ILE A 487 -7.71 3.16 8.15
CA ILE A 487 -7.77 4.29 9.08
C ILE A 487 -8.49 5.42 8.39
N TRP A 488 -8.16 5.70 7.15
CA TRP A 488 -8.83 6.80 6.46
C TRP A 488 -10.19 6.42 5.86
N GLU A 489 -10.64 5.19 6.02
CA GLU A 489 -12.01 4.84 5.65
C GLU A 489 -12.23 4.74 4.15
N MET A 490 -11.21 4.25 3.45
CA MET A 490 -11.27 4.08 2.00
C MET A 490 -11.53 2.66 1.50
N LYS A 491 -11.50 1.67 2.40
CA LYS A 491 -11.76 0.21 2.12
C LYS A 491 -12.85 -0.20 1.12
N GLU A 492 -14.07 0.25 1.34
CA GLU A 492 -15.17 0.00 0.40
C GLU A 492 -14.78 0.33 -1.02
N GLY A 493 -14.14 1.46 -1.23
CA GLY A 493 -13.76 1.87 -2.57
C GLY A 493 -12.57 1.08 -3.12
N LEU A 494 -11.60 0.91 -2.24
CA LEU A 494 -10.39 0.17 -2.52
C LEU A 494 -10.70 -1.24 -2.87
N ASP A 495 -11.72 -1.84 -2.26
CA ASP A 495 -12.08 -3.25 -2.42
C ASP A 495 -12.57 -3.47 -3.84
N LYS A 496 -13.22 -2.48 -4.39
CA LYS A 496 -13.75 -2.61 -5.76
C LYS A 496 -12.56 -2.60 -6.75
N LEU A 497 -11.50 -1.85 -6.43
CA LEU A 497 -10.34 -1.75 -7.30
C LEU A 497 -9.48 -3.00 -7.14
N LEU A 498 -9.50 -3.59 -5.93
CA LEU A 498 -8.82 -4.91 -5.67
C LEU A 498 -9.54 -6.05 -6.38
N THR A 499 -10.85 -5.95 -6.51
CA THR A 499 -11.56 -6.92 -7.32
C THR A 499 -11.18 -6.83 -8.76
N ALA A 500 -11.19 -5.62 -9.31
CA ALA A 500 -10.70 -5.41 -10.68
C ALA A 500 -9.34 -6.09 -10.91
N ARG A 501 -8.39 -5.86 -10.01
CA ARG A 501 -7.02 -6.40 -10.16
C ARG A 501 -7.01 -7.90 -10.02
N ARG A 502 -7.78 -8.43 -9.10
CA ARG A 502 -7.69 -9.88 -8.79
C ARG A 502 -8.21 -10.74 -9.95
N TYR A 503 -9.30 -10.26 -10.60
CA TYR A 503 -10.10 -11.08 -11.52
C TYR A 503 -10.14 -10.60 -12.94
N TYR A 504 -9.77 -9.34 -13.20
CA TYR A 504 -9.96 -8.75 -14.55
C TYR A 504 -8.72 -8.15 -15.25
N ALA A 505 -7.76 -7.65 -14.47
CA ALA A 505 -6.56 -6.96 -14.98
C ALA A 505 -5.53 -7.94 -15.52
N TYR A 506 -5.82 -8.53 -16.68
CA TYR A 506 -4.98 -9.60 -17.24
C TYR A 506 -4.80 -9.43 -18.74
N GLY A 507 -3.80 -10.14 -19.30
CA GLY A 507 -3.32 -9.91 -20.65
C GLY A 507 -2.54 -8.61 -20.92
N PRO A 508 -2.21 -8.37 -22.22
CA PRO A 508 -1.56 -7.14 -22.68
C PRO A 508 -2.22 -5.87 -22.19
N GLY A 509 -1.41 -4.85 -21.95
CA GLY A 509 -1.94 -3.52 -21.75
C GLY A 509 -1.86 -2.71 -23.03
N TYR A 510 -2.76 -1.72 -23.18
CA TYR A 510 -2.79 -0.87 -24.39
C TYR A 510 -3.12 0.56 -24.03
N GLU A 511 -2.31 1.50 -24.48
CA GLU A 511 -2.69 2.89 -24.35
C GLU A 511 -3.64 3.16 -25.53
N VAL A 512 -4.38 4.24 -25.41
CA VAL A 512 -5.38 4.66 -26.34
C VAL A 512 -4.82 5.97 -26.93
N ASP A 513 -5.56 6.54 -27.88
CA ASP A 513 -5.07 7.55 -28.73
C ASP A 513 -5.81 8.90 -28.51
N ASN A 514 -6.76 8.94 -27.58
CA ASN A 514 -7.47 10.20 -27.31
C ASN A 514 -7.41 10.76 -25.86
N ASN A 515 -6.38 10.49 -25.09
CA ASN A 515 -6.29 11.15 -23.81
C ASN A 515 -6.21 12.69 -23.96
N ASP A 516 -6.37 13.44 -22.86
CA ASP A 516 -6.26 14.88 -22.86
C ASP A 516 -5.83 15.49 -21.53
N ALA A 517 -6.14 16.78 -21.37
CA ALA A 517 -5.67 17.50 -20.15
C ALA A 517 -6.29 16.88 -18.96
N ASP A 518 -7.53 16.44 -19.13
CA ASP A 518 -8.30 15.90 -18.01
C ASP A 518 -8.67 14.44 -17.90
N ILE A 519 -8.58 13.65 -18.98
CA ILE A 519 -8.90 12.23 -19.00
C ILE A 519 -7.75 11.35 -19.54
N TYR A 520 -7.40 10.28 -18.78
CA TYR A 520 -6.51 9.17 -19.15
C TYR A 520 -7.31 7.87 -19.12
N SER A 521 -7.27 7.09 -20.20
CA SER A 521 -7.88 5.78 -20.26
C SER A 521 -6.82 4.70 -20.60
N TYR A 522 -7.13 3.42 -20.42
CA TYR A 522 -6.10 2.37 -20.54
C TYR A 522 -6.84 1.09 -20.69
N VAL A 523 -6.30 0.14 -21.45
CA VAL A 523 -7.01 -1.12 -21.73
C VAL A 523 -6.19 -2.35 -21.35
N ARG A 524 -6.83 -3.31 -20.67
CA ARG A 524 -6.32 -4.66 -20.49
C ARG A 524 -7.27 -5.49 -21.30
N SER A 525 -6.71 -6.25 -22.24
CA SER A 525 -7.48 -7.00 -23.20
C SER A 525 -8.07 -8.27 -22.63
N GLY A 526 -7.47 -8.77 -21.53
CA GLY A 526 -7.78 -10.09 -21.01
C GLY A 526 -6.89 -11.12 -21.67
N PHE A 527 -6.76 -12.29 -21.06
CA PHE A 527 -6.09 -13.47 -21.66
C PHE A 527 -6.98 -14.08 -22.71
N PRO A 528 -6.38 -14.65 -23.77
CA PRO A 528 -7.27 -15.00 -24.87
C PRO A 528 -7.96 -16.33 -24.60
N ASP A 529 -7.46 -17.06 -23.59
CA ASP A 529 -8.00 -18.38 -23.21
C ASP A 529 -8.65 -18.41 -21.83
N VAL A 530 -9.15 -17.25 -21.40
CA VAL A 530 -9.90 -17.15 -20.17
C VAL A 530 -11.11 -16.32 -20.52
N ALA A 531 -12.28 -16.75 -20.07
CA ALA A 531 -13.49 -16.11 -20.46
C ALA A 531 -13.81 -15.06 -19.43
N GLY A 532 -14.19 -13.88 -19.90
CA GLY A 532 -14.78 -12.88 -19.02
C GLY A 532 -13.88 -11.87 -18.33
N ASP A 533 -12.60 -11.85 -18.72
CA ASP A 533 -11.54 -10.99 -18.11
C ASP A 533 -11.23 -9.76 -18.97
N GLY A 534 -10.34 -8.92 -18.47
CA GLY A 534 -10.02 -7.70 -19.17
C GLY A 534 -10.80 -6.52 -18.65
N LEU A 535 -10.41 -5.32 -19.02
CA LEU A 535 -10.97 -4.09 -18.39
C LEU A 535 -10.57 -2.87 -19.18
N VAL A 536 -11.31 -1.80 -18.99
CA VAL A 536 -11.01 -0.55 -19.58
C VAL A 536 -11.14 0.42 -18.42
N LEU A 537 -10.06 1.13 -18.12
CA LEU A 537 -9.98 2.14 -17.08
C LEU A 537 -10.19 3.51 -17.68
N MET A 538 -10.92 4.39 -16.97
CA MET A 538 -10.89 5.81 -17.20
C MET A 538 -10.76 6.50 -15.88
N ILE A 539 -9.74 7.38 -15.77
CA ILE A 539 -9.58 8.25 -14.60
C ILE A 539 -9.57 9.67 -15.15
N SER A 540 -9.90 10.62 -14.30
CA SER A 540 -10.00 12.02 -14.73
C SER A 540 -9.63 12.99 -13.56
N ASP A 541 -9.05 14.16 -13.86
CA ASP A 541 -8.90 15.26 -12.85
C ASP A 541 -9.92 16.37 -13.02
N GLY A 542 -10.94 16.11 -13.82
CA GLY A 542 -12.00 17.07 -14.04
C GLY A 542 -12.80 17.31 -12.77
N THR A 543 -13.38 18.50 -12.67
CA THR A 543 -14.26 18.90 -11.62
C THR A 543 -15.61 19.50 -12.16
N SER A 544 -15.90 19.43 -13.48
CA SER A 544 -17.06 20.11 -14.02
C SER A 544 -18.42 19.53 -13.47
N GLY A 545 -18.38 18.30 -12.91
CA GLY A 545 -19.56 17.64 -12.30
C GLY A 545 -20.39 16.76 -13.23
N ASN A 546 -19.95 16.66 -14.49
CA ASN A 546 -20.65 15.93 -15.51
C ASN A 546 -19.96 14.67 -16.03
N VAL A 547 -20.77 13.84 -16.68
CA VAL A 547 -20.37 12.58 -17.28
C VAL A 547 -19.79 12.93 -18.61
N ALA A 548 -18.75 12.17 -18.97
CA ALA A 548 -17.96 12.34 -20.18
C ALA A 548 -17.58 10.96 -20.74
N GLY A 549 -17.57 10.86 -22.08
CA GLY A 549 -17.33 9.64 -22.76
C GLY A 549 -16.08 9.67 -23.60
N LYS A 550 -15.60 8.48 -24.00
CA LYS A 550 -14.40 8.38 -24.84
C LYS A 550 -14.56 7.13 -25.70
N TRP A 551 -14.31 7.26 -26.98
CA TRP A 551 -14.35 6.16 -27.89
C TRP A 551 -13.06 5.34 -27.82
N ILE A 552 -13.13 4.18 -27.22
CA ILE A 552 -11.98 3.32 -27.02
C ILE A 552 -12.16 1.92 -27.62
N ASN A 553 -11.09 1.37 -28.19
CA ASN A 553 -11.05 -0.03 -28.60
C ASN A 553 -10.75 -0.92 -27.42
N SER A 554 -11.69 -1.75 -27.02
CA SER A 554 -11.55 -2.66 -25.89
C SER A 554 -10.82 -3.95 -26.20
N ARG A 555 -10.70 -4.28 -27.48
CA ARG A 555 -10.10 -5.55 -27.92
C ARG A 555 -10.99 -6.78 -27.68
N GLN A 556 -12.27 -6.52 -27.36
CA GLN A 556 -13.29 -7.56 -27.19
C GLN A 556 -14.52 -7.16 -27.98
N PRO A 557 -14.61 -7.62 -29.22
CA PRO A 557 -15.78 -7.36 -30.05
C PRO A 557 -17.09 -7.87 -29.49
N ASP A 558 -18.16 -7.13 -29.79
CA ASP A 558 -19.51 -7.53 -29.45
C ASP A 558 -19.61 -8.04 -28.02
N THR A 559 -19.16 -7.24 -27.05
CA THR A 559 -19.14 -7.60 -25.62
C THR A 559 -19.79 -6.53 -24.73
N GLU A 560 -20.59 -6.97 -23.78
CA GLU A 560 -21.32 -6.08 -22.89
C GLU A 560 -20.47 -5.79 -21.67
N PHE A 561 -20.30 -4.50 -21.34
CA PHE A 561 -19.47 -4.08 -20.22
C PHE A 561 -20.28 -3.30 -19.23
N TYR A 562 -19.82 -3.33 -17.98
CA TYR A 562 -20.40 -2.55 -16.93
C TYR A 562 -19.31 -1.92 -15.97
N ASP A 563 -19.65 -0.88 -15.24
CA ASP A 563 -18.65 -0.18 -14.43
C ASP A 563 -18.68 -0.73 -12.99
N LEU A 564 -17.67 -1.49 -12.61
CA LEU A 564 -17.73 -2.10 -11.29
C LEU A 564 -17.49 -1.17 -10.12
N THR A 565 -17.30 0.11 -10.39
CA THR A 565 -17.26 1.13 -9.33
C THR A 565 -18.66 1.61 -8.93
N GLY A 566 -19.66 1.38 -9.79
CA GLY A 566 -21.05 1.77 -9.51
C GLY A 566 -21.35 3.21 -9.78
N HIS A 567 -20.41 3.86 -10.44
CA HIS A 567 -20.45 5.29 -10.60
C HIS A 567 -21.37 5.63 -11.80
N ILE A 568 -21.13 4.92 -12.91
CA ILE A 568 -21.97 5.06 -14.12
C ILE A 568 -22.97 3.92 -14.16
N LYS A 569 -24.24 4.29 -14.37
CA LYS A 569 -25.38 3.35 -14.32
C LYS A 569 -25.88 3.06 -15.69
N GLU A 570 -24.95 2.66 -16.54
CA GLU A 570 -25.21 2.27 -17.90
C GLU A 570 -24.31 1.09 -18.18
N HIS A 571 -24.62 0.38 -19.25
CA HIS A 571 -23.72 -0.62 -19.74
C HIS A 571 -23.29 -0.10 -21.07
N VAL A 572 -22.23 -0.71 -21.60
CA VAL A 572 -21.62 -0.33 -22.88
C VAL A 572 -21.33 -1.64 -23.56
N THR A 573 -21.80 -1.74 -24.81
CA THR A 573 -21.64 -2.94 -25.61
C THR A 573 -20.74 -2.58 -26.78
N THR A 574 -19.69 -3.37 -26.97
CA THR A 574 -18.70 -2.99 -27.96
C THR A 574 -19.30 -3.40 -29.29
N ASP A 575 -18.67 -2.97 -30.38
CA ASP A 575 -19.10 -3.27 -31.74
C ASP A 575 -18.17 -4.37 -32.32
N SER A 576 -18.30 -4.64 -33.61
CA SER A 576 -17.58 -5.77 -34.27
C SER A 576 -16.05 -5.61 -34.29
N GLU A 577 -15.58 -4.39 -34.08
CA GLU A 577 -14.14 -4.09 -33.99
C GLU A 577 -13.63 -4.01 -32.52
N GLY A 578 -14.55 -3.96 -31.56
CA GLY A 578 -14.20 -3.82 -30.14
C GLY A 578 -14.45 -2.43 -29.59
N TYR A 579 -14.91 -1.52 -30.41
CA TYR A 579 -14.96 -0.16 -29.93
C TYR A 579 -16.24 0.11 -29.18
N GLY A 580 -16.17 0.88 -28.10
CA GLY A 580 -17.40 1.41 -27.49
C GLY A 580 -17.13 2.76 -26.86
N ASN A 581 -18.18 3.51 -26.61
CA ASN A 581 -18.04 4.79 -25.98
C ASN A 581 -18.16 4.70 -24.46
N PHE A 582 -17.05 4.49 -23.76
CA PHE A 582 -17.04 4.26 -22.29
C PHE A 582 -17.09 5.53 -21.45
N LYS A 583 -17.56 5.52 -20.21
CA LYS A 583 -17.84 6.81 -19.57
C LYS A 583 -17.20 7.01 -18.17
N VAL A 584 -17.02 8.27 -17.76
CA VAL A 584 -16.54 8.68 -16.40
C VAL A 584 -17.24 10.00 -15.99
N ILE A 585 -17.31 10.20 -14.68
CA ILE A 585 -17.84 11.40 -14.07
C ILE A 585 -16.67 12.37 -13.81
N LYS A 586 -16.81 13.63 -14.22
CA LYS A 586 -15.80 14.59 -13.95
C LYS A 586 -15.95 15.18 -12.56
N SER A 587 -15.46 14.45 -11.56
CA SER A 587 -15.35 15.03 -10.25
C SER A 587 -14.18 14.47 -9.47
N GLU A 588 -13.68 15.25 -8.51
CA GLU A 588 -12.57 14.77 -7.66
C GLU A 588 -12.96 13.44 -7.05
N ASP A 589 -14.16 13.48 -6.51
CA ASP A 589 -14.67 12.52 -5.63
C ASP A 589 -15.06 11.20 -6.29
N LYS A 590 -15.60 11.22 -7.53
CA LYS A 590 -15.96 9.97 -8.25
C LYS A 590 -15.28 9.74 -9.61
N GLY A 591 -14.17 10.41 -9.86
CA GLY A 591 -13.59 10.47 -11.21
C GLY A 591 -12.74 9.29 -11.60
N TRP A 592 -13.29 8.09 -11.39
CA TRP A 592 -12.63 6.82 -11.75
C TRP A 592 -13.71 5.81 -12.02
N SER A 593 -13.56 5.05 -13.10
CA SER A 593 -14.50 4.03 -13.47
C SER A 593 -13.67 2.86 -14.05
N ILE A 594 -14.04 1.62 -13.81
CA ILE A 594 -13.31 0.46 -14.38
C ILE A 594 -14.36 -0.37 -15.04
N TRP A 595 -14.37 -0.45 -16.36
CA TRP A 595 -15.44 -1.13 -17.10
C TRP A 595 -14.98 -2.56 -17.32
N VAL A 596 -15.80 -3.55 -16.96
CA VAL A 596 -15.46 -4.99 -17.12
C VAL A 596 -16.64 -5.78 -17.79
N PRO A 597 -16.35 -6.97 -18.37
CA PRO A 597 -17.44 -7.74 -18.98
C PRO A 597 -18.53 -8.26 -17.96
N VAL A 598 -19.78 -8.31 -18.44
CA VAL A 598 -20.91 -8.80 -17.64
C VAL A 598 -20.93 -10.34 -17.52
N GLU A 599 -20.43 -11.02 -18.55
CA GLU A 599 -20.22 -12.45 -18.46
C GLU A 599 -18.77 -12.72 -18.74
#